data_3RNR
#
_entry.id   3RNR
#
_cell.length_a   65.530
_cell.length_b   87.349
_cell.length_c   93.364
_cell.angle_alpha   90.00
_cell.angle_beta   90.00
_cell.angle_gamma   90.00
#
_symmetry.space_group_name_H-M   'P 21 21 21'
#
loop_
_entity.id
_entity.type
_entity.pdbx_description
1 polymer 'Stage II sporulation E family protein'
2 non-polymer GLYCEROL
3 non-polymer 'ACETIC ACID'
4 non-polymer 1,2-ETHANEDIOL
5 water water
#
_entity_poly.entity_id   1
_entity_poly.type   'polypeptide(L)'
_entity_poly.pdbx_seq_one_letter_code
;SNAVGTGGDKAYCVVVDG(MSE)GG(MSE)IRGDEAAQRALSASVGVLDAGGSPLDAVLAAQAAVHRWASQGGILGRTGA
T(MSE)AVAAVNLRDGTLEWASVGDCRVYLFKGGRLSRLSLDHNVSSE(MSE)VLLGRGPVPGPAGE(MSE)ITSFIGIE
NLTEISTSEAPLPLEAGEGVLVVSDGVYRSLHEDRIA(MSE)ALSRGSDARGILQEVEAQGRPYQDNATLALVIL
;
_entity_poly.pdbx_strand_id   A,B
#
# COMPACT_ATOMS: atom_id res chain seq x y z
N SER A 1 -4.61 -0.09 -10.85
CA SER A 1 -4.18 -0.68 -9.59
C SER A 1 -4.50 0.22 -8.40
N ASN A 2 -4.37 -0.32 -7.19
CA ASN A 2 -4.60 0.48 -5.98
C ASN A 2 -3.64 0.11 -4.86
N ALA A 3 -3.56 0.99 -3.88
CA ALA A 3 -2.78 0.71 -2.69
C ALA A 3 -3.32 1.51 -1.52
N VAL A 4 -3.16 0.99 -0.31
CA VAL A 4 -3.40 1.77 0.89
C VAL A 4 -2.31 1.40 1.86
N GLY A 5 -2.04 2.28 2.78
CA GLY A 5 -0.98 2.02 3.73
C GLY A 5 -0.95 3.07 4.80
N THR A 6 -0.06 2.87 5.76
CA THR A 6 0.13 3.84 6.80
C THR A 6 1.62 3.98 6.99
N GLY A 7 2.05 5.23 7.19
CA GLY A 7 3.43 5.54 7.55
C GLY A 7 3.48 7.00 7.92
N GLY A 8 4.46 7.39 8.74
CA GLY A 8 4.59 8.79 9.13
C GLY A 8 3.33 9.41 9.72
N ASP A 9 2.61 8.64 10.55
CA ASP A 9 1.37 9.08 11.19
C ASP A 9 0.21 9.44 10.23
N LYS A 10 0.25 8.88 9.03
CA LYS A 10 -0.84 9.06 8.09
C LYS A 10 -1.29 7.73 7.53
N ALA A 11 -2.57 7.64 7.18
CA ALA A 11 -3.06 6.51 6.42
C ALA A 11 -3.48 7.06 5.06
N TYR A 12 -3.15 6.37 3.99
CA TYR A 12 -3.37 6.91 2.66
C TYR A 12 -3.95 5.86 1.73
N CYS A 13 -4.55 6.32 0.64
CA CYS A 13 -5.08 5.42 -0.38
C CYS A 13 -4.82 6.03 -1.74
N VAL A 14 -4.58 5.17 -2.71
CA VAL A 14 -4.26 5.61 -4.05
C VAL A 14 -4.86 4.65 -5.05
N VAL A 15 -5.36 5.19 -6.14
N VAL A 15 -5.36 5.20 -6.14
CA VAL A 15 -5.76 4.38 -7.27
CA VAL A 15 -5.77 4.41 -7.29
C VAL A 15 -5.18 5.00 -8.51
C VAL A 15 -5.19 5.05 -8.53
N VAL A 16 -4.69 4.16 -9.43
N VAL A 16 -4.75 4.22 -9.47
CA VAL A 16 -4.19 4.65 -10.69
CA VAL A 16 -4.15 4.70 -10.69
C VAL A 16 -4.78 3.82 -11.81
C VAL A 16 -4.60 3.81 -11.84
N ASP A 17 -4.92 4.42 -12.98
CA ASP A 17 -5.40 3.69 -14.14
C ASP A 17 -4.60 4.13 -15.36
N GLY A 18 -3.96 3.19 -16.04
CA GLY A 18 -3.26 3.53 -17.28
C GLY A 18 -4.25 4.00 -18.34
N GLY A 20 -5.93 3.86 -21.60
CA GLY A 20 -6.06 2.71 -22.50
C GLY A 20 -5.68 2.94 -23.95
N GLY A 21 -6.03 4.12 -24.45
CA GLY A 21 -5.79 4.44 -25.85
C GLY A 21 -4.38 4.90 -26.14
N ILE A 23 0.23 4.52 -25.35
CA ILE A 23 1.36 3.61 -25.30
C ILE A 23 1.76 3.28 -23.86
N ARG A 24 1.93 2.00 -23.55
CA ARG A 24 2.53 1.55 -22.29
C ARG A 24 1.87 2.15 -21.06
N GLY A 25 0.54 2.14 -21.07
CA GLY A 25 -0.25 2.73 -20.01
C GLY A 25 -0.02 2.06 -18.68
N ASP A 26 0.17 0.75 -18.70
CA ASP A 26 0.47 -0.02 -17.50
C ASP A 26 1.75 0.46 -16.82
N GLU A 27 2.79 0.74 -17.60
CA GLU A 27 4.05 1.21 -17.03
C GLU A 27 3.94 2.63 -16.48
N ALA A 28 3.21 3.48 -17.18
CA ALA A 28 2.95 4.84 -16.71
C ALA A 28 2.24 4.78 -15.38
N ALA A 29 1.22 3.93 -15.28
CA ALA A 29 0.44 3.77 -14.05
C ALA A 29 1.33 3.26 -12.91
N GLN A 30 2.18 2.28 -13.20
CA GLN A 30 3.10 1.74 -12.18
C GLN A 30 4.04 2.82 -11.65
N ARG A 31 4.58 3.63 -12.54
CA ARG A 31 5.48 4.70 -12.12
C ARG A 31 4.78 5.77 -11.30
N ALA A 32 3.53 6.07 -11.68
CA ALA A 32 2.73 7.02 -10.91
C ALA A 32 2.44 6.50 -9.51
N LEU A 33 2.04 5.24 -9.42
CA LEU A 33 1.69 4.69 -8.13
C LEU A 33 2.93 4.58 -7.25
N SER A 34 4.03 4.12 -7.82
N SER A 34 4.03 4.12 -7.82
CA SER A 34 5.27 3.97 -7.07
CA SER A 34 5.28 3.98 -7.08
C SER A 34 5.76 5.30 -6.49
C SER A 34 5.75 5.30 -6.48
N ALA A 35 5.73 6.35 -7.29
CA ALA A 35 6.13 7.67 -6.82
C ALA A 35 5.20 8.15 -5.70
N SER A 36 3.90 7.94 -5.88
CA SER A 36 2.92 8.41 -4.92
C SER A 36 3.10 7.75 -3.56
N VAL A 37 3.24 6.44 -3.58
CA VAL A 37 3.39 5.71 -2.33
C VAL A 37 4.67 6.13 -1.59
N GLY A 38 5.77 6.30 -2.31
CA GLY A 38 6.99 6.78 -1.67
C GLY A 38 6.76 8.11 -0.98
N VAL A 39 6.13 9.04 -1.68
CA VAL A 39 5.83 10.36 -1.11
C VAL A 39 4.97 10.22 0.13
N LEU A 40 3.89 9.45 0.04
CA LEU A 40 2.91 9.37 1.13
C LEU A 40 3.46 8.69 2.36
N ASP A 41 4.16 7.57 2.15
CA ASP A 41 4.78 6.88 3.26
C ASP A 41 5.83 7.75 3.98
N ALA A 42 6.46 8.66 3.25
CA ALA A 42 7.47 9.57 3.82
C ALA A 42 6.84 10.81 4.46
N GLY A 43 5.52 10.90 4.47
CA GLY A 43 4.86 12.00 5.16
C GLY A 43 4.33 13.10 4.26
N GLY A 44 4.40 12.89 2.96
CA GLY A 44 3.95 13.92 2.03
C GLY A 44 2.43 13.93 1.85
N SER A 45 1.93 14.99 1.24
CA SER A 45 0.51 15.16 0.98
C SER A 45 0.06 14.51 -0.33
N PRO A 46 -1.26 14.32 -0.50
CA PRO A 46 -1.77 13.86 -1.79
C PRO A 46 -1.35 14.74 -2.96
N LEU A 47 -1.39 16.06 -2.81
CA LEU A 47 -0.90 16.94 -3.87
C LEU A 47 0.60 16.70 -4.15
N ASP A 48 1.43 16.59 -3.11
CA ASP A 48 2.85 16.22 -3.30
C ASP A 48 2.97 14.97 -4.15
N ALA A 49 2.12 13.97 -3.87
CA ALA A 49 2.20 12.67 -4.52
C ALA A 49 1.86 12.77 -6.00
N VAL A 50 0.81 13.52 -6.30
CA VAL A 50 0.44 13.79 -7.68
C VAL A 50 1.58 14.48 -8.44
N LEU A 51 2.18 15.47 -7.82
CA LEU A 51 3.27 16.21 -8.49
C LEU A 51 4.51 15.34 -8.72
N ALA A 52 4.79 14.44 -7.78
CA ALA A 52 5.93 13.53 -7.88
C ALA A 52 5.68 12.49 -8.97
N ALA A 53 4.45 11.96 -9.01
CA ALA A 53 4.04 11.06 -10.08
C ALA A 53 4.17 11.69 -11.46
N GLN A 54 3.71 12.94 -11.57
CA GLN A 54 3.83 13.68 -12.83
C GLN A 54 5.29 13.83 -13.23
N ALA A 55 6.13 14.26 -12.28
CA ALA A 55 7.56 14.40 -12.55
C ALA A 55 8.18 13.07 -13.02
N ALA A 56 7.86 11.99 -12.34
CA ALA A 56 8.44 10.69 -12.66
C ALA A 56 8.00 10.17 -14.03
N VAL A 57 6.71 10.31 -14.34
CA VAL A 57 6.18 9.81 -15.60
C VAL A 57 6.62 10.66 -16.80
N HIS A 58 6.61 11.97 -16.60
CA HIS A 58 7.01 12.93 -17.63
C HIS A 58 8.49 12.68 -18.04
N ARG A 59 9.37 12.55 -17.06
N ARG A 59 9.38 12.55 -17.06
CA ARG A 59 10.78 12.28 -17.34
CA ARG A 59 10.79 12.29 -17.34
C ARG A 59 10.98 10.94 -18.03
C ARG A 59 10.96 10.94 -18.05
N TRP A 60 10.31 9.91 -17.51
CA TRP A 60 10.40 8.58 -18.09
C TRP A 60 9.92 8.60 -19.55
N ALA A 61 8.80 9.27 -19.78
CA ALA A 61 8.23 9.37 -21.12
C ALA A 61 9.13 10.09 -22.11
N SER A 62 9.70 11.23 -21.70
CA SER A 62 10.64 11.94 -22.58
C SER A 62 11.84 11.07 -22.89
N GLN A 63 12.38 10.43 -21.87
CA GLN A 63 13.54 9.58 -22.08
C GLN A 63 13.25 8.44 -23.05
N GLY A 64 11.98 8.04 -23.14
CA GLY A 64 11.58 7.04 -24.12
C GLY A 64 11.04 7.61 -25.42
N GLY A 65 11.05 8.93 -25.55
CA GLY A 65 10.55 9.57 -26.76
C GLY A 65 9.05 9.42 -26.93
N ILE A 66 8.38 9.03 -25.84
CA ILE A 66 6.91 8.93 -25.78
C ILE A 66 6.08 10.05 -25.14
N LEU A 67 6.73 11.17 -24.79
CA LEU A 67 6.05 12.20 -24.03
C LEU A 67 4.73 12.60 -24.69
N GLY A 68 3.66 12.62 -23.91
CA GLY A 68 2.34 12.95 -24.41
C GLY A 68 1.61 11.78 -25.02
N ARG A 69 2.33 10.70 -25.32
CA ARG A 69 1.71 9.49 -25.85
C ARG A 69 1.46 8.37 -24.84
N THR A 70 1.79 8.64 -23.58
CA THR A 70 1.61 7.67 -22.52
C THR A 70 1.13 8.43 -21.29
N GLY A 71 0.41 7.76 -20.40
CA GLY A 71 0.03 8.41 -19.16
C GLY A 71 -0.96 7.61 -18.35
N ALA A 72 -1.39 8.20 -17.23
CA ALA A 72 -2.31 7.53 -16.34
C ALA A 72 -3.20 8.55 -15.67
N THR A 73 -4.34 8.10 -15.15
CA THR A 73 -5.18 8.95 -14.31
C THR A 73 -5.04 8.41 -12.88
N ALA A 75 -6.18 9.03 -8.38
CA ALA A 75 -6.76 9.77 -7.26
C ALA A 75 -6.07 9.31 -6.00
N VAL A 76 -5.84 10.23 -5.09
CA VAL A 76 -5.08 9.93 -3.87
C VAL A 76 -5.64 10.73 -2.72
N ALA A 77 -5.64 10.11 -1.55
CA ALA A 77 -6.10 10.81 -0.36
C ALA A 77 -5.29 10.37 0.84
N ALA A 78 -5.27 11.18 1.89
CA ALA A 78 -4.57 10.81 3.10
C ALA A 78 -5.22 11.42 4.30
N VAL A 79 -5.26 10.67 5.38
CA VAL A 79 -5.83 11.14 6.63
C VAL A 79 -4.70 11.29 7.64
N ASN A 80 -4.59 12.44 8.27
CA ASN A 80 -3.57 12.61 9.29
C ASN A 80 -4.12 11.99 10.56
N LEU A 81 -3.44 10.97 11.07
CA LEU A 81 -3.96 10.20 12.17
C LEU A 81 -3.78 10.90 13.52
N ARG A 82 -2.89 11.89 13.56
CA ARG A 82 -2.75 12.68 14.78
C ARG A 82 -3.90 13.68 14.98
N ASP A 83 -4.15 14.49 13.96
CA ASP A 83 -5.23 15.49 14.07
C ASP A 83 -6.57 15.16 13.39
N GLY A 84 -6.65 14.03 12.70
CA GLY A 84 -7.90 13.60 12.10
C GLY A 84 -8.33 14.34 10.85
N THR A 85 -7.38 14.93 10.13
CA THR A 85 -7.75 15.75 8.98
C THR A 85 -7.46 15.03 7.67
N LEU A 86 -8.27 15.33 6.67
CA LEU A 86 -8.21 14.70 5.37
C LEU A 86 -7.71 15.67 4.28
N GLU A 87 -6.81 15.17 3.42
CA GLU A 87 -6.45 15.87 2.20
C GLU A 87 -6.58 14.91 1.02
N TRP A 88 -6.71 15.45 -0.19
CA TRP A 88 -6.85 14.60 -1.37
C TRP A 88 -6.46 15.37 -2.63
N ALA A 89 -6.17 14.62 -3.69
CA ALA A 89 -5.88 15.20 -4.98
C ALA A 89 -6.23 14.16 -6.05
N SER A 90 -6.58 14.62 -7.26
CA SER A 90 -6.82 13.70 -8.36
C SER A 90 -6.60 14.37 -9.71
N VAL A 91 -6.28 13.55 -10.70
CA VAL A 91 -6.06 14.04 -12.05
C VAL A 91 -6.71 13.05 -12.99
N GLY A 92 -7.57 13.53 -13.88
CA GLY A 92 -8.30 12.61 -14.72
C GLY A 92 -9.69 12.27 -14.22
N ASP A 93 -10.13 11.07 -14.56
CA ASP A 93 -11.45 10.56 -14.14
C ASP A 93 -11.55 9.57 -12.97
N CYS A 94 -10.45 9.28 -12.28
CA CYS A 94 -10.56 8.61 -11.00
C CYS A 94 -11.23 9.56 -10.03
N ARG A 95 -11.95 9.04 -9.03
CA ARG A 95 -12.80 9.87 -8.19
C ARG A 95 -12.45 9.74 -6.71
N VAL A 96 -12.65 10.82 -5.96
CA VAL A 96 -12.48 10.85 -4.51
C VAL A 96 -13.85 11.10 -3.85
N TYR A 97 -14.18 10.31 -2.83
CA TYR A 97 -15.44 10.45 -2.10
C TYR A 97 -15.16 10.62 -0.63
N LEU A 98 -15.87 11.55 0.00
CA LEU A 98 -15.85 11.71 1.45
C LEU A 98 -16.88 10.80 2.08
N PHE A 99 -16.51 10.15 3.16
CA PHE A 99 -17.49 9.39 3.93
C PHE A 99 -17.64 10.11 5.27
N LYS A 100 -18.77 10.77 5.46
CA LYS A 100 -18.98 11.57 6.66
C LYS A 100 -20.45 11.59 7.03
N GLY A 101 -20.74 11.54 8.32
CA GLY A 101 -22.12 11.53 8.79
C GLY A 101 -22.90 10.42 8.15
N GLY A 102 -22.22 9.31 7.85
CA GLY A 102 -22.89 8.12 7.37
C GLY A 102 -23.12 8.12 5.87
N ARG A 103 -22.77 9.21 5.20
CA ARG A 103 -23.04 9.32 3.77
C ARG A 103 -21.79 9.56 2.91
N LEU A 104 -21.78 8.97 1.73
N LEU A 104 -21.83 9.03 1.69
CA LEU A 104 -20.73 9.21 0.75
CA LEU A 104 -20.75 9.17 0.73
C LEU A 104 -21.07 10.46 -0.03
C LEU A 104 -21.02 10.36 -0.19
N SER A 105 -20.06 11.28 -0.29
CA SER A 105 -20.27 12.45 -1.13
C SER A 105 -19.05 12.71 -1.99
N ARG A 106 -19.30 13.19 -3.20
CA ARG A 106 -18.23 13.40 -4.15
C ARG A 106 -17.41 14.65 -3.81
N LEU A 107 -16.09 14.48 -3.76
CA LEU A 107 -15.11 15.55 -3.52
C LEU A 107 -14.54 16.11 -4.81
N SER A 108 -13.96 15.21 -5.61
CA SER A 108 -13.15 15.59 -6.76
C SER A 108 -13.92 15.99 -8.02
N LEU A 109 -13.24 16.75 -8.87
CA LEU A 109 -13.76 17.14 -10.19
C LEU A 109 -13.13 16.23 -11.24
N ASP A 110 -13.88 15.90 -12.30
CA ASP A 110 -13.32 15.14 -13.42
C ASP A 110 -12.61 16.04 -14.39
N HIS A 111 -11.49 15.61 -14.95
CA HIS A 111 -10.99 16.36 -16.07
C HIS A 111 -11.29 15.59 -17.35
N ASN A 112 -12.31 16.04 -18.04
CA ASN A 112 -12.65 15.43 -19.31
C ASN A 112 -13.35 16.47 -20.15
N VAL A 113 -13.64 16.12 -21.40
CA VAL A 113 -14.15 17.13 -22.32
C VAL A 113 -15.52 17.64 -21.84
N SER A 114 -16.36 16.73 -21.36
CA SER A 114 -17.70 17.15 -20.90
C SER A 114 -17.62 18.17 -19.75
N SER A 115 -16.78 17.89 -18.76
CA SER A 115 -16.65 18.78 -17.61
C SER A 115 -16.12 20.13 -18.03
N GLU A 116 -15.14 20.12 -18.91
CA GLU A 116 -14.57 21.33 -19.42
C GLU A 116 -15.60 22.15 -20.21
N VAL A 118 -18.81 22.08 -19.85
CA VAL A 118 -19.72 22.66 -18.88
C VAL A 118 -19.14 23.94 -18.25
N LEU A 119 -17.89 23.89 -17.82
CA LEU A 119 -17.26 25.07 -17.19
C LEU A 119 -17.12 26.24 -18.17
N LEU A 120 -17.07 25.93 -19.46
CA LEU A 120 -16.99 26.97 -20.47
C LEU A 120 -18.37 27.55 -20.82
N GLY A 121 -19.42 27.01 -20.19
CA GLY A 121 -20.77 27.49 -20.43
C GLY A 121 -21.45 26.87 -21.63
N ARG A 122 -20.83 25.82 -22.18
CA ARG A 122 -21.35 25.17 -23.39
C ARG A 122 -22.19 23.90 -23.18
N GLY A 123 -22.40 23.54 -21.91
CA GLY A 123 -23.23 22.39 -21.59
C GLY A 123 -22.46 21.08 -21.66
N PRO A 124 -23.04 20.02 -21.10
CA PRO A 124 -22.32 18.75 -21.05
C PRO A 124 -22.28 18.07 -22.40
N VAL A 125 -21.37 17.12 -22.52
CA VAL A 125 -21.13 16.37 -23.75
C VAL A 125 -21.23 14.89 -23.43
N PRO A 126 -22.41 14.30 -23.64
CA PRO A 126 -22.60 12.87 -23.34
C PRO A 126 -21.80 11.96 -24.26
N GLY A 127 -21.44 10.77 -23.78
CA GLY A 127 -20.84 9.76 -24.64
C GLY A 127 -19.33 9.84 -24.69
N PRO A 128 -18.71 8.94 -25.44
CA PRO A 128 -17.25 8.82 -25.53
C PRO A 128 -16.54 10.15 -25.83
N ALA A 129 -17.13 11.01 -26.64
CA ALA A 129 -16.49 12.30 -26.93
C ALA A 129 -16.35 13.17 -25.69
N GLY A 130 -17.34 13.09 -24.79
CA GLY A 130 -17.31 13.85 -23.56
C GLY A 130 -16.44 13.20 -22.49
N GLU A 131 -16.19 11.90 -22.66
CA GLU A 131 -15.42 11.15 -21.67
C GLU A 131 -13.92 11.30 -21.86
N ILE A 133 -10.23 12.25 -21.80
CA ILE A 133 -9.48 12.83 -20.69
C ILE A 133 -8.70 14.08 -21.08
N THR A 134 -8.90 15.18 -20.34
CA THR A 134 -8.15 16.41 -20.59
C THR A 134 -6.94 16.70 -19.70
N SER A 135 -6.79 15.97 -18.61
CA SER A 135 -5.64 16.11 -17.75
C SER A 135 -5.28 14.74 -17.21
N PHE A 136 -3.99 14.40 -17.24
CA PHE A 136 -3.57 13.07 -16.83
C PHE A 136 -2.10 13.13 -16.44
N ILE A 137 -1.64 12.15 -15.66
CA ILE A 137 -0.25 12.10 -15.25
C ILE A 137 0.55 11.70 -16.48
N GLY A 138 1.53 12.52 -16.85
CA GLY A 138 2.24 12.32 -18.10
C GLY A 138 1.93 13.36 -19.17
N ILE A 139 0.90 14.18 -18.93
CA ILE A 139 0.61 15.26 -19.85
C ILE A 139 1.79 16.23 -19.91
N GLU A 140 2.00 16.88 -21.05
CA GLU A 140 3.22 17.66 -21.25
C GLU A 140 3.36 18.81 -20.25
N ASN A 141 2.26 19.47 -19.95
CA ASN A 141 2.24 20.46 -18.89
C ASN A 141 1.02 20.23 -18.03
N LEU A 142 1.21 19.87 -16.76
CA LEU A 142 0.04 19.52 -15.97
C LEU A 142 -0.39 20.80 -15.31
N THR A 143 -1.49 21.38 -15.78
CA THR A 143 -2.12 22.50 -15.09
C THR A 143 -3.41 22.26 -14.29
N GLU A 144 -4.09 21.14 -14.53
N GLU A 144 -4.07 21.13 -14.53
CA GLU A 144 -5.40 20.90 -13.93
CA GLU A 144 -5.38 20.89 -13.92
C GLU A 144 -5.33 19.74 -12.97
C GLU A 144 -5.32 19.72 -12.96
N ILE A 145 -5.45 20.04 -11.68
CA ILE A 145 -5.40 19.04 -10.64
C ILE A 145 -6.57 19.37 -9.73
N SER A 146 -7.36 18.35 -9.41
CA SER A 146 -8.45 18.55 -8.47
C SER A 146 -7.90 18.25 -7.08
N THR A 147 -8.09 19.17 -6.14
CA THR A 147 -7.41 18.99 -4.85
C THR A 147 -8.16 19.67 -3.70
N SER A 148 -7.96 19.18 -2.48
CA SER A 148 -8.55 19.82 -1.30
C SER A 148 -7.98 21.22 -1.13
N GLU A 149 -8.83 22.16 -0.72
CA GLU A 149 -8.38 23.53 -0.47
C GLU A 149 -7.71 23.68 0.89
N ALA A 150 -8.30 23.04 1.90
CA ALA A 150 -7.76 23.02 3.24
C ALA A 150 -8.10 21.67 3.85
N PRO A 151 -7.26 21.19 4.79
CA PRO A 151 -7.54 19.87 5.36
C PRO A 151 -8.95 19.82 5.97
N LEU A 152 -9.65 18.71 5.77
N LEU A 152 -9.65 18.71 5.73
CA LEU A 152 -11.02 18.57 6.23
CA LEU A 152 -11.01 18.55 6.24
C LEU A 152 -11.07 17.73 7.51
C LEU A 152 -10.97 17.76 7.54
N PRO A 153 -11.56 18.32 8.61
CA PRO A 153 -11.62 17.58 9.88
C PRO A 153 -12.56 16.37 9.79
N LEU A 154 -12.09 15.23 10.29
CA LEU A 154 -12.88 14.01 10.32
C LEU A 154 -13.05 13.54 11.75
N GLU A 155 -14.08 12.73 11.98
CA GLU A 155 -14.34 12.14 13.29
C GLU A 155 -14.13 10.66 13.11
N ALA A 156 -13.87 9.96 14.22
CA ALA A 156 -13.59 8.55 14.16
C ALA A 156 -14.71 7.87 13.39
N GLY A 157 -14.36 6.93 12.51
CA GLY A 157 -15.39 6.22 11.78
C GLY A 157 -15.71 6.89 10.45
N GLU A 158 -15.24 8.11 10.25
CA GLU A 158 -15.41 8.75 8.97
C GLU A 158 -14.14 8.49 8.14
N GLY A 159 -14.14 8.91 6.89
CA GLY A 159 -13.03 8.55 6.04
C GLY A 159 -13.18 8.97 4.60
N VAL A 160 -12.46 8.28 3.72
CA VAL A 160 -12.37 8.67 2.32
C VAL A 160 -12.23 7.41 1.46
N LEU A 161 -12.79 7.50 0.26
CA LEU A 161 -12.75 6.40 -0.70
C LEU A 161 -12.26 6.94 -2.03
N VAL A 162 -11.32 6.22 -2.66
CA VAL A 162 -10.94 6.56 -4.03
C VAL A 162 -11.27 5.39 -4.97
N VAL A 163 -11.70 5.74 -6.19
CA VAL A 163 -12.26 4.76 -7.11
C VAL A 163 -11.85 5.03 -8.53
N SER A 164 -11.56 3.97 -9.26
CA SER A 164 -11.37 4.00 -10.70
C SER A 164 -12.27 2.95 -11.33
N ASP A 165 -13.11 3.35 -12.27
CA ASP A 165 -13.86 2.38 -13.08
C ASP A 165 -13.80 2.64 -14.59
N LEU A 171 -8.99 -9.01 -12.76
CA LEU A 171 -9.11 -9.76 -11.51
C LEU A 171 -9.32 -8.85 -10.31
N HIS A 172 -9.00 -7.57 -10.48
CA HIS A 172 -9.19 -6.57 -9.43
C HIS A 172 -10.68 -6.35 -9.14
N GLU A 173 -11.53 -6.97 -9.96
CA GLU A 173 -12.98 -6.94 -9.77
C GLU A 173 -13.36 -7.43 -8.39
N ASP A 174 -14.15 -6.63 -7.68
CA ASP A 174 -14.54 -6.94 -6.31
C ASP A 174 -13.32 -7.05 -5.37
N ARG A 175 -12.20 -6.42 -5.73
CA ARG A 175 -11.06 -6.33 -4.80
C ARG A 175 -11.12 -4.98 -4.09
N ILE A 176 -10.77 -4.96 -2.81
CA ILE A 176 -10.85 -3.75 -2.03
C ILE A 176 -9.64 -3.68 -1.11
N ALA A 177 -9.04 -2.51 -1.02
CA ALA A 177 -7.93 -2.26 -0.12
C ALA A 177 -8.40 -1.23 0.90
N ALA A 179 -7.60 0.72 4.93
CA ALA A 179 -6.84 0.96 6.14
C ALA A 179 -7.85 1.34 7.21
N LEU A 180 -7.83 0.61 8.32
CA LEU A 180 -8.81 0.85 9.37
C LEU A 180 -8.26 0.35 10.72
N SER A 181 -8.85 0.75 11.84
CA SER A 181 -8.32 0.31 13.13
C SER A 181 -9.15 -0.87 13.62
N ARG A 182 -8.78 -1.49 14.73
CA ARG A 182 -9.54 -2.66 15.18
C ARG A 182 -10.94 -2.22 15.62
N GLY A 183 -11.00 -1.06 16.28
CA GLY A 183 -12.25 -0.51 16.75
C GLY A 183 -13.22 -0.14 15.63
N SER A 184 -12.71 -0.04 14.42
CA SER A 184 -13.56 0.23 13.27
C SER A 184 -14.20 -1.08 12.88
N ASP A 185 -15.53 -1.12 12.89
CA ASP A 185 -16.20 -2.32 12.45
C ASP A 185 -16.09 -2.38 10.93
N ALA A 186 -15.50 -3.45 10.42
CA ALA A 186 -15.30 -3.55 8.99
C ALA A 186 -16.52 -4.15 8.27
N ARG A 187 -17.46 -4.70 9.05
CA ARG A 187 -18.75 -5.14 8.51
C ARG A 187 -19.66 -3.95 8.22
N GLY A 188 -19.80 -3.08 9.21
CA GLY A 188 -20.74 -1.97 9.13
C GLY A 188 -20.31 -0.83 8.23
N ILE A 189 -19.05 -0.39 8.35
CA ILE A 189 -18.59 0.72 7.53
C ILE A 189 -18.83 0.43 6.04
N LEU A 190 -18.33 -0.70 5.56
CA LEU A 190 -18.35 -1.04 4.15
C LEU A 190 -19.77 -1.21 3.69
N GLN A 191 -20.56 -1.81 4.57
CA GLN A 191 -21.97 -2.06 4.30
C GLN A 191 -22.60 -0.77 3.82
N GLU A 192 -22.62 0.26 4.66
CA GLU A 192 -23.16 1.56 4.27
C GLU A 192 -22.48 2.13 3.02
N VAL A 193 -21.16 2.24 3.02
CA VAL A 193 -20.50 2.88 1.89
C VAL A 193 -21.01 2.28 0.56
N GLU A 194 -21.13 0.96 0.52
CA GLU A 194 -21.63 0.25 -0.66
C GLU A 194 -23.15 0.02 -0.56
N ALA A 195 -23.76 0.46 0.54
CA ALA A 195 -25.21 0.59 0.58
C ALA A 195 -25.50 1.84 -0.22
N GLN A 196 -24.56 2.77 -0.15
CA GLN A 196 -24.54 3.97 -0.98
C GLN A 196 -23.74 3.74 -2.26
N GLY A 197 -23.36 2.49 -2.49
CA GLY A 197 -22.34 2.12 -3.46
C GLY A 197 -22.74 2.34 -4.90
N ARG A 198 -23.84 3.04 -5.10
CA ARG A 198 -24.23 3.56 -6.41
C ARG A 198 -23.10 4.20 -7.24
N PRO A 199 -22.27 5.06 -6.60
CA PRO A 199 -21.33 5.95 -7.31
C PRO A 199 -20.39 5.22 -8.28
N TYR A 200 -20.18 3.93 -8.08
CA TYR A 200 -19.26 3.16 -8.91
C TYR A 200 -19.93 1.89 -9.43
N GLN A 201 -19.33 1.28 -10.44
CA GLN A 201 -19.86 0.05 -11.02
C GLN A 201 -19.53 -1.18 -10.18
N ASP A 202 -19.88 -2.34 -10.70
CA ASP A 202 -19.52 -3.62 -10.09
C ASP A 202 -18.06 -3.87 -10.40
N ASN A 203 -17.61 -3.23 -11.47
CA ASN A 203 -16.28 -3.46 -12.04
C ASN A 203 -15.18 -2.65 -11.33
N ALA A 204 -15.60 -1.85 -10.36
CA ALA A 204 -14.74 -0.84 -9.75
C ALA A 204 -13.71 -1.39 -8.77
N THR A 205 -12.47 -0.89 -8.88
CA THR A 205 -11.45 -1.12 -7.88
C THR A 205 -11.56 -0.02 -6.84
N LEU A 206 -11.66 -0.40 -5.56
CA LEU A 206 -11.82 0.56 -4.45
C LEU A 206 -10.65 0.59 -3.49
N ALA A 207 -10.36 1.77 -2.95
CA ALA A 207 -9.42 1.88 -1.84
C ALA A 207 -10.00 2.89 -0.87
N LEU A 208 -9.87 2.62 0.42
CA LEU A 208 -10.47 3.51 1.39
C LEU A 208 -9.68 3.57 2.69
N VAL A 209 -9.84 4.68 3.39
CA VAL A 209 -9.23 4.86 4.70
C VAL A 209 -10.32 5.28 5.65
N ILE A 210 -10.37 4.65 6.81
CA ILE A 210 -11.33 5.03 7.87
C ILE A 210 -10.54 5.51 9.08
N LEU A 211 -10.85 6.70 9.58
CA LEU A 211 -10.14 7.22 10.76
C LEU A 211 -10.48 6.37 12.00
N SER B 1 5.67 0.99 9.11
CA SER B 1 4.89 1.21 7.89
C SER B 1 4.19 -0.07 7.47
N ASN B 2 3.03 0.08 6.83
CA ASN B 2 2.43 -1.06 6.17
C ASN B 2 1.76 -0.62 4.87
N ALA B 3 1.49 -1.58 4.00
CA ALA B 3 0.78 -1.31 2.77
C ALA B 3 0.13 -2.57 2.28
N VAL B 4 -0.98 -2.41 1.56
CA VAL B 4 -1.55 -3.51 0.80
C VAL B 4 -1.92 -2.91 -0.52
N GLY B 5 -2.10 -3.75 -1.52
CA GLY B 5 -2.42 -3.25 -2.82
C GLY B 5 -2.81 -4.36 -3.77
N THR B 6 -3.23 -3.92 -4.94
CA THR B 6 -3.63 -4.83 -5.99
C THR B 6 -2.97 -4.30 -7.25
N GLY B 7 -2.08 -5.10 -7.82
CA GLY B 7 -1.56 -4.82 -9.14
C GLY B 7 -1.15 -6.11 -9.84
N GLY B 8 -1.18 -6.10 -11.17
CA GLY B 8 -1.08 -7.33 -11.93
C GLY B 8 -2.18 -8.30 -11.53
N ASP B 9 -1.82 -9.56 -11.41
CA ASP B 9 -2.76 -10.60 -11.02
C ASP B 9 -2.77 -10.77 -9.50
N LYS B 10 -2.08 -9.88 -8.78
CA LYS B 10 -1.79 -10.11 -7.37
C LYS B 10 -2.39 -9.10 -6.39
N ALA B 11 -2.70 -9.58 -5.19
CA ALA B 11 -2.99 -8.70 -4.07
C ALA B 11 -1.87 -8.95 -3.08
N TYR B 12 -1.27 -7.89 -2.54
CA TYR B 12 -0.07 -8.04 -1.71
C TYR B 12 -0.19 -7.28 -0.42
N CYS B 13 0.67 -7.62 0.54
CA CYS B 13 0.73 -6.93 1.81
C CYS B 13 2.18 -6.85 2.25
N VAL B 14 2.52 -5.77 2.95
CA VAL B 14 3.89 -5.61 3.42
C VAL B 14 3.90 -4.82 4.72
N VAL B 15 4.81 -5.18 5.61
CA VAL B 15 5.11 -4.36 6.78
C VAL B 15 6.61 -4.12 6.79
N VAL B 16 7.00 -2.92 7.19
CA VAL B 16 8.41 -2.54 7.26
C VAL B 16 8.64 -1.74 8.54
N ASP B 17 9.71 -2.04 9.27
CA ASP B 17 10.08 -1.17 10.40
C ASP B 17 11.56 -0.85 10.49
N GLY B 18 11.87 0.42 10.72
CA GLY B 18 13.27 0.80 10.85
C GLY B 18 13.87 0.13 12.08
N GLY B 20 15.38 0.48 15.31
CA GLY B 20 15.40 1.62 16.20
C GLY B 20 16.69 1.72 17.01
N GLY B 21 17.43 0.63 17.08
CA GLY B 21 18.69 0.63 17.82
C GLY B 21 19.81 1.27 17.03
N ILE B 23 20.82 4.06 13.40
CA ILE B 23 20.57 5.44 13.00
C ILE B 23 19.62 5.54 11.79
N ARG B 24 18.81 6.59 11.80
CA ARG B 24 17.93 6.94 10.69
C ARG B 24 17.07 5.77 10.26
N GLY B 25 16.51 5.06 11.24
CA GLY B 25 15.68 3.91 10.98
C GLY B 25 14.46 4.22 10.12
N ASP B 26 13.81 5.34 10.37
CA ASP B 26 12.63 5.70 9.59
C ASP B 26 12.94 5.97 8.12
N GLU B 27 14.08 6.61 7.86
CA GLU B 27 14.51 6.84 6.49
C GLU B 27 14.89 5.55 5.78
N ALA B 28 15.52 4.61 6.49
CA ALA B 28 15.77 3.29 5.92
C ALA B 28 14.46 2.57 5.58
N ALA B 29 13.52 2.61 6.51
CA ALA B 29 12.22 1.97 6.32
C ALA B 29 11.50 2.58 5.11
N GLN B 30 11.61 3.90 4.92
CA GLN B 30 10.98 4.53 3.76
C GLN B 30 11.50 3.97 2.46
N ARG B 31 12.81 3.79 2.35
CA ARG B 31 13.38 3.26 1.10
C ARG B 31 12.94 1.83 0.89
N ALA B 32 12.89 1.06 1.97
CA ALA B 32 12.48 -0.32 1.86
C ALA B 32 11.01 -0.44 1.43
N LEU B 33 10.15 0.34 2.07
CA LEU B 33 8.73 0.28 1.77
C LEU B 33 8.51 0.73 0.32
N SER B 34 9.08 1.87 -0.05
N SER B 34 9.08 1.86 -0.06
CA SER B 34 8.89 2.42 -1.39
CA SER B 34 8.86 2.39 -1.40
C SER B 34 9.40 1.48 -2.48
C SER B 34 9.38 1.44 -2.48
N ALA B 35 10.58 0.90 -2.29
CA ALA B 35 11.11 -0.03 -3.28
C ALA B 35 10.26 -1.31 -3.38
N SER B 36 9.88 -1.86 -2.23
N SER B 36 9.87 -1.86 -2.24
CA SER B 36 9.07 -3.07 -2.23
CA SER B 36 9.09 -3.10 -2.25
C SER B 36 7.78 -2.87 -2.99
C SER B 36 7.74 -2.93 -2.92
N VAL B 37 7.07 -1.80 -2.66
CA VAL B 37 5.77 -1.54 -3.27
C VAL B 37 5.85 -1.32 -4.78
N GLY B 38 6.89 -0.63 -5.24
CA GLY B 38 7.10 -0.50 -6.67
C GLY B 38 7.18 -1.85 -7.36
N VAL B 39 7.89 -2.80 -6.76
CA VAL B 39 8.01 -4.14 -7.32
C VAL B 39 6.66 -4.87 -7.27
N LEU B 40 6.03 -4.87 -6.11
CA LEU B 40 4.76 -5.58 -5.92
C LEU B 40 3.67 -5.03 -6.84
N ASP B 41 3.61 -3.72 -6.97
CA ASP B 41 2.58 -3.11 -7.79
C ASP B 41 2.74 -3.50 -9.25
N ALA B 42 3.98 -3.83 -9.62
CA ALA B 42 4.28 -4.21 -10.99
C ALA B 42 4.13 -5.71 -11.20
N GLY B 43 3.68 -6.42 -10.17
CA GLY B 43 3.43 -7.85 -10.25
C GLY B 43 4.58 -8.74 -9.84
N GLY B 44 5.61 -8.15 -9.24
CA GLY B 44 6.77 -8.89 -8.80
C GLY B 44 6.48 -9.77 -7.58
N SER B 45 7.41 -10.66 -7.27
CA SER B 45 7.26 -11.57 -6.16
C SER B 45 7.72 -10.91 -4.85
N PRO B 46 7.28 -11.46 -3.72
CA PRO B 46 7.78 -10.97 -2.43
C PRO B 46 9.31 -11.00 -2.34
N LEU B 47 9.95 -12.05 -2.85
CA LEU B 47 11.40 -12.11 -2.84
C LEU B 47 12.04 -10.98 -3.65
N ASP B 48 11.54 -10.73 -4.86
CA ASP B 48 12.01 -9.62 -5.66
C ASP B 48 11.81 -8.29 -4.92
N ALA B 49 10.71 -8.17 -4.21
CA ALA B 49 10.43 -6.95 -3.47
C ALA B 49 11.46 -6.76 -2.35
N VAL B 50 11.78 -7.84 -1.65
CA VAL B 50 12.84 -7.80 -0.63
C VAL B 50 14.19 -7.43 -1.24
N LEU B 51 14.52 -8.03 -2.37
CA LEU B 51 15.81 -7.74 -3.02
C LEU B 51 15.89 -6.28 -3.49
N ALA B 52 14.78 -5.74 -3.98
CA ALA B 52 14.76 -4.33 -4.35
C ALA B 52 14.89 -3.40 -3.12
N ALA B 53 14.18 -3.73 -2.05
CA ALA B 53 14.32 -3.00 -0.78
C ALA B 53 15.77 -3.00 -0.32
N GLN B 54 16.40 -4.17 -0.38
CA GLN B 54 17.80 -4.30 0.00
C GLN B 54 18.69 -3.41 -0.86
N ALA B 55 18.49 -3.43 -2.17
CA ALA B 55 19.32 -2.64 -3.05
C ALA B 55 19.16 -1.15 -2.76
N ALA B 56 17.93 -0.71 -2.50
CA ALA B 56 17.65 0.70 -2.24
C ALA B 56 18.24 1.19 -0.93
N VAL B 57 18.09 0.40 0.13
CA VAL B 57 18.64 0.81 1.42
C VAL B 57 20.17 0.78 1.38
N HIS B 58 20.72 -0.28 0.78
CA HIS B 58 22.17 -0.44 0.68
C HIS B 58 22.82 0.73 -0.06
N ARG B 59 22.19 1.12 -1.16
CA ARG B 59 22.67 2.21 -2.02
C ARG B 59 22.64 3.54 -1.26
N TRP B 60 21.49 3.85 -0.68
CA TRP B 60 21.32 5.04 0.16
C TRP B 60 22.26 5.10 1.38
N ALA B 61 22.38 3.98 2.10
CA ALA B 61 23.26 3.91 3.27
C ALA B 61 24.72 4.16 2.88
N SER B 62 25.15 3.55 1.78
CA SER B 62 26.52 3.70 1.31
C SER B 62 26.86 5.18 1.08
N GLN B 63 26.06 5.85 0.27
CA GLN B 63 26.25 7.26 0.01
C GLN B 63 26.26 8.10 1.27
N GLY B 64 25.48 7.69 2.26
CA GLY B 64 25.46 8.39 3.52
C GLY B 64 26.68 8.08 4.38
N GLY B 65 27.55 7.21 3.87
CA GLY B 65 28.71 6.73 4.63
C GLY B 65 28.33 5.91 5.86
N ILE B 66 27.04 5.58 5.95
CA ILE B 66 26.44 4.78 7.03
C ILE B 66 26.19 3.27 6.83
N LEU B 67 26.68 2.67 5.75
CA LEU B 67 26.32 1.27 5.44
C LEU B 67 26.52 0.36 6.64
N GLY B 68 25.50 -0.44 6.96
CA GLY B 68 25.58 -1.38 8.05
C GLY B 68 25.17 -0.78 9.37
N ARG B 69 25.10 0.54 9.42
N ARG B 69 25.08 0.55 9.41
CA ARG B 69 24.68 1.22 10.65
CA ARG B 69 24.69 1.25 10.63
C ARG B 69 23.22 1.70 10.67
C ARG B 69 23.23 1.73 10.66
N THR B 70 22.50 1.44 9.59
CA THR B 70 21.10 1.82 9.47
C THR B 70 20.41 0.65 8.75
N GLY B 71 19.13 0.44 9.02
CA GLY B 71 18.46 -0.68 8.38
C GLY B 71 17.00 -0.82 8.76
N ALA B 72 16.34 -1.81 8.19
CA ALA B 72 14.94 -2.05 8.50
C ALA B 72 14.70 -3.55 8.47
N THR B 73 13.59 -3.99 9.05
CA THR B 73 13.17 -5.39 8.93
C THR B 73 11.85 -5.33 8.18
N ALA B 75 8.37 -7.87 6.26
CA ALA B 75 7.78 -9.12 5.80
C ALA B 75 6.79 -8.76 4.70
N VAL B 76 6.73 -9.61 3.68
CA VAL B 76 5.89 -9.31 2.52
C VAL B 76 5.25 -10.59 1.98
N ALA B 77 4.04 -10.48 1.47
CA ALA B 77 3.39 -11.64 0.88
C ALA B 77 2.51 -11.18 -0.28
N ALA B 78 2.25 -12.09 -1.21
CA ALA B 78 1.40 -11.75 -2.34
C ALA B 78 0.57 -12.97 -2.69
N VAL B 79 -0.70 -12.76 -2.99
CA VAL B 79 -1.56 -13.85 -3.42
C VAL B 79 -1.90 -13.65 -4.89
N ASN B 80 -1.67 -14.67 -5.70
CA ASN B 80 -2.01 -14.56 -7.10
C ASN B 80 -3.50 -14.80 -7.21
N LEU B 81 -4.22 -13.80 -7.72
CA LEU B 81 -5.68 -13.83 -7.76
C LEU B 81 -6.20 -14.78 -8.85
N ARG B 82 -5.38 -15.05 -9.85
CA ARG B 82 -5.80 -15.94 -10.91
C ARG B 82 -5.86 -17.41 -10.45
N ASP B 83 -4.74 -17.89 -9.91
CA ASP B 83 -4.65 -19.28 -9.42
C ASP B 83 -4.78 -19.53 -7.91
N GLY B 84 -4.92 -18.47 -7.12
CA GLY B 84 -5.04 -18.58 -5.68
C GLY B 84 -3.78 -18.93 -4.91
N THR B 85 -2.60 -18.79 -5.52
CA THR B 85 -1.36 -19.22 -4.86
C THR B 85 -0.68 -18.08 -4.10
N LEU B 86 -0.07 -18.45 -2.97
CA LEU B 86 0.57 -17.53 -2.06
C LEU B 86 2.08 -17.65 -2.09
N GLU B 87 2.77 -16.51 -2.13
CA GLU B 87 4.21 -16.46 -1.88
C GLU B 87 4.50 -15.44 -0.79
N TRP B 88 5.64 -15.56 -0.12
CA TRP B 88 5.99 -14.63 0.94
C TRP B 88 7.49 -14.56 1.14
N ALA B 89 7.95 -13.49 1.79
CA ALA B 89 9.36 -13.38 2.14
C ALA B 89 9.51 -12.47 3.35
N SER B 90 10.56 -12.68 4.14
CA SER B 90 10.78 -11.82 5.29
C SER B 90 12.24 -11.75 5.67
N VAL B 91 12.63 -10.64 6.28
CA VAL B 91 14.01 -10.47 6.72
C VAL B 91 13.98 -9.81 8.08
N GLY B 92 14.69 -10.39 9.03
CA GLY B 92 14.62 -9.89 10.40
C GLY B 92 13.57 -10.55 11.26
N ASP B 93 12.98 -9.76 12.15
CA ASP B 93 12.01 -10.27 13.12
C ASP B 93 10.54 -10.05 12.77
N CYS B 94 10.24 -9.50 11.59
CA CYS B 94 8.85 -9.47 11.14
C CYS B 94 8.39 -10.90 10.83
N ARG B 95 7.08 -11.15 10.91
CA ARG B 95 6.62 -12.54 10.80
C ARG B 95 5.53 -12.71 9.76
N VAL B 96 5.48 -13.90 9.17
CA VAL B 96 4.44 -14.25 8.21
C VAL B 96 3.59 -15.41 8.72
N TYR B 97 2.27 -15.24 8.72
CA TYR B 97 1.31 -16.27 9.13
C TYR B 97 0.34 -16.62 8.02
N LEU B 98 0.05 -17.93 7.88
CA LEU B 98 -1.03 -18.38 7.02
C LEU B 98 -2.35 -18.29 7.78
N PHE B 99 -3.38 -17.73 7.15
CA PHE B 99 -4.71 -17.79 7.75
C PHE B 99 -5.52 -18.86 7.04
N LYS B 100 -5.74 -19.97 7.73
CA LYS B 100 -6.43 -21.12 7.15
C LYS B 100 -7.06 -21.93 8.27
N GLY B 101 -8.19 -22.57 7.97
CA GLY B 101 -8.88 -23.38 8.96
C GLY B 101 -9.19 -22.61 10.24
N GLY B 102 -9.47 -21.31 10.11
CA GLY B 102 -9.81 -20.47 11.24
C GLY B 102 -8.65 -20.15 12.17
N ARG B 103 -7.43 -20.53 11.77
CA ARG B 103 -6.24 -20.30 12.58
C ARG B 103 -5.14 -19.53 11.84
N LEU B 104 -4.26 -18.90 12.60
CA LEU B 104 -3.01 -18.36 12.07
C LEU B 104 -1.91 -19.38 12.32
N SER B 105 -1.11 -19.67 11.29
CA SER B 105 -0.03 -20.64 11.40
C SER B 105 1.25 -19.97 10.93
N ARG B 106 2.30 -20.06 11.74
CA ARG B 106 3.55 -19.37 11.43
C ARG B 106 4.23 -20.03 10.23
N LEU B 107 4.48 -19.23 9.19
CA LEU B 107 5.30 -19.63 8.05
C LEU B 107 6.81 -19.40 8.12
N SER B 108 7.20 -18.23 8.64
CA SER B 108 8.55 -17.76 8.42
C SER B 108 9.46 -18.00 9.61
N LEU B 109 10.75 -17.73 9.41
N LEU B 109 10.74 -17.75 9.41
CA LEU B 109 11.78 -17.90 10.43
CA LEU B 109 11.75 -17.89 10.46
C LEU B 109 12.34 -16.53 10.78
C LEU B 109 12.27 -16.51 10.79
N ASP B 110 12.55 -16.27 12.07
CA ASP B 110 13.20 -15.04 12.52
C ASP B 110 14.68 -15.09 12.17
N HIS B 111 15.28 -13.94 11.83
CA HIS B 111 16.73 -13.93 11.78
C HIS B 111 17.28 -13.23 13.01
N ASN B 112 17.80 -14.04 13.93
CA ASN B 112 18.36 -13.52 15.15
C ASN B 112 19.38 -14.51 15.69
N VAL B 113 20.17 -14.08 16.66
CA VAL B 113 21.25 -14.92 17.17
C VAL B 113 20.75 -16.26 17.64
N SER B 114 19.63 -16.28 18.36
CA SER B 114 19.09 -17.58 18.77
C SER B 114 18.82 -18.51 17.58
N SER B 115 18.14 -18.00 16.55
CA SER B 115 17.79 -18.91 15.44
C SER B 115 19.06 -19.27 14.67
N GLU B 116 20.01 -18.34 14.58
CA GLU B 116 21.28 -18.64 13.94
C GLU B 116 22.01 -19.82 14.61
N VAL B 118 20.63 -22.19 16.44
CA VAL B 118 19.85 -23.41 16.18
C VAL B 118 20.05 -23.91 14.75
N LEU B 119 20.08 -22.99 13.78
N LEU B 119 20.09 -22.97 13.80
CA LEU B 119 20.32 -23.37 12.39
CA LEU B 119 20.35 -23.26 12.40
C LEU B 119 21.66 -24.09 12.25
C LEU B 119 21.65 -24.05 12.24
N LEU B 120 22.63 -23.73 13.08
CA LEU B 120 23.96 -24.30 12.99
C LEU B 120 24.09 -25.60 13.79
N GLY B 121 22.97 -26.07 14.34
CA GLY B 121 22.93 -27.36 14.99
C GLY B 121 23.24 -27.28 16.48
N ARG B 122 23.09 -26.08 17.02
N ARG B 122 23.10 -26.08 17.02
CA ARG B 122 23.31 -25.86 18.44
CA ARG B 122 23.33 -25.88 18.44
C ARG B 122 21.99 -25.50 19.10
C ARG B 122 22.00 -25.46 19.09
N GLY B 123 22.03 -25.11 20.37
CA GLY B 123 20.81 -24.82 21.09
C GLY B 123 20.41 -23.37 21.00
N PRO B 124 19.22 -23.04 21.49
CA PRO B 124 18.73 -21.67 21.47
C PRO B 124 19.47 -20.76 22.45
N VAL B 125 19.30 -19.46 22.24
CA VAL B 125 19.81 -18.42 23.12
C VAL B 125 18.61 -17.62 23.62
N PRO B 126 18.01 -18.04 24.75
CA PRO B 126 16.77 -17.41 25.23
C PRO B 126 16.96 -15.96 25.63
N GLY B 127 15.88 -15.19 25.63
CA GLY B 127 15.91 -13.83 26.12
C GLY B 127 16.50 -12.83 25.14
N PRO B 128 16.59 -11.56 25.56
CA PRO B 128 17.13 -10.42 24.80
C PRO B 128 18.47 -10.71 24.10
N ALA B 129 19.38 -11.40 24.76
CA ALA B 129 20.67 -11.75 24.13
C ALA B 129 20.51 -12.46 22.76
N GLY B 130 19.57 -13.40 22.69
CA GLY B 130 19.33 -14.17 21.49
C GLY B 130 18.47 -13.44 20.48
N GLU B 131 17.97 -12.27 20.87
CA GLU B 131 17.09 -11.48 20.00
C GLU B 131 17.83 -10.54 19.05
N ILE B 133 19.36 -9.07 16.03
CA ILE B 133 19.02 -9.36 14.63
C ILE B 133 20.26 -9.69 13.79
N THR B 134 20.22 -10.83 13.13
CA THR B 134 21.32 -11.24 12.24
C THR B 134 21.16 -10.96 10.75
N SER B 135 19.95 -10.59 10.33
CA SER B 135 19.70 -10.27 8.92
C SER B 135 18.70 -9.13 8.86
N PHE B 136 18.99 -8.09 8.09
CA PHE B 136 18.09 -6.93 7.99
C PHE B 136 18.31 -6.26 6.65
N ILE B 137 17.34 -5.46 6.23
CA ILE B 137 17.43 -4.75 4.97
C ILE B 137 18.40 -3.61 5.18
N GLY B 138 19.46 -3.59 4.38
CA GLY B 138 20.56 -2.66 4.57
C GLY B 138 21.83 -3.31 5.11
N ILE B 139 21.76 -4.61 5.38
CA ILE B 139 22.95 -5.30 5.87
C ILE B 139 23.99 -5.33 4.75
N GLU B 140 25.28 -5.34 5.09
CA GLU B 140 26.30 -5.19 4.05
C GLU B 140 26.16 -6.20 2.91
N ASN B 141 25.90 -7.46 3.25
CA ASN B 141 25.66 -8.49 2.25
C ASN B 141 24.45 -9.31 2.70
N LEU B 142 23.34 -9.29 1.96
CA LEU B 142 22.14 -9.92 2.49
C LEU B 142 22.16 -11.36 2.00
N THR B 143 22.46 -12.30 2.88
CA THR B 143 22.41 -13.71 2.51
C THR B 143 21.25 -14.52 3.08
N GLU B 144 20.53 -13.97 4.03
CA GLU B 144 19.53 -14.77 4.74
C GLU B 144 18.17 -14.12 4.59
N ILE B 145 17.29 -14.77 3.82
CA ILE B 145 15.93 -14.31 3.63
C ILE B 145 15.02 -15.49 3.85
N SER B 146 14.00 -15.33 4.70
CA SER B 146 13.04 -16.41 4.90
C SER B 146 12.04 -16.30 3.75
N THR B 147 11.80 -17.38 3.01
CA THR B 147 10.89 -17.33 1.84
C THR B 147 10.01 -18.57 1.69
N SER B 148 8.88 -18.41 1.01
CA SER B 148 8.07 -19.54 0.58
C SER B 148 8.91 -20.31 -0.43
N GLU B 149 8.59 -21.57 -0.65
CA GLU B 149 9.31 -22.24 -1.72
C GLU B 149 8.36 -22.52 -2.87
N ALA B 150 7.62 -23.63 -2.82
CA ALA B 150 6.59 -23.82 -3.84
C ALA B 150 5.42 -22.94 -3.41
N PRO B 151 4.82 -22.18 -4.34
CA PRO B 151 3.69 -21.33 -3.94
C PRO B 151 2.59 -22.14 -3.26
N LEU B 152 1.98 -21.58 -2.21
CA LEU B 152 0.96 -22.32 -1.44
C LEU B 152 -0.43 -22.07 -2.00
N PRO B 153 -1.16 -23.14 -2.36
CA PRO B 153 -2.52 -22.98 -2.88
C PRO B 153 -3.49 -22.49 -1.81
N LEU B 154 -4.31 -21.49 -2.11
CA LEU B 154 -5.28 -21.01 -1.15
C LEU B 154 -6.67 -21.18 -1.72
N GLU B 155 -7.67 -21.23 -0.84
CA GLU B 155 -9.07 -21.28 -1.22
C GLU B 155 -9.66 -19.97 -0.77
N ALA B 156 -10.76 -19.57 -1.37
CA ALA B 156 -11.40 -18.32 -1.00
C ALA B 156 -11.60 -18.26 0.52
N GLY B 157 -11.30 -17.11 1.12
CA GLY B 157 -11.50 -16.92 2.54
C GLY B 157 -10.24 -17.22 3.35
N GLU B 158 -9.33 -17.96 2.75
CA GLU B 158 -7.97 -18.13 3.26
C GLU B 158 -7.08 -16.94 2.92
N GLY B 159 -5.99 -16.76 3.65
CA GLY B 159 -5.15 -15.60 3.40
C GLY B 159 -3.83 -15.61 4.11
N VAL B 160 -3.22 -14.44 4.19
CA VAL B 160 -1.91 -14.30 4.81
C VAL B 160 -1.87 -13.02 5.64
N LEU B 161 -1.14 -13.08 6.75
CA LEU B 161 -0.97 -11.94 7.63
C LEU B 161 0.52 -11.72 7.87
N VAL B 162 0.98 -10.48 7.68
CA VAL B 162 2.34 -10.11 8.03
C VAL B 162 2.33 -9.14 9.22
N VAL B 163 3.33 -9.28 10.10
CA VAL B 163 3.34 -8.62 11.40
C VAL B 163 4.69 -8.02 11.72
N SER B 164 4.72 -6.75 12.13
CA SER B 164 5.92 -6.15 12.72
C SER B 164 5.59 -5.66 14.12
N ASP B 165 6.08 -6.36 15.11
CA ASP B 165 6.03 -5.99 16.52
C ASP B 165 7.27 -5.64 17.35
N GLY B 166 8.45 -5.50 16.74
CA GLY B 166 9.69 -5.41 17.50
C GLY B 166 9.69 -4.29 18.54
N VAL B 167 10.41 -4.51 19.64
CA VAL B 167 10.46 -3.51 20.71
C VAL B 167 11.19 -2.24 20.25
N TYR B 168 12.06 -2.40 19.26
CA TYR B 168 12.94 -1.34 18.76
C TYR B 168 12.21 -0.27 17.94
N ARG B 169 10.92 -0.48 17.68
CA ARG B 169 10.19 0.36 16.73
C ARG B 169 10.03 1.83 17.14
N SER B 170 10.13 2.71 16.16
CA SER B 170 9.82 4.13 16.35
C SER B 170 8.31 4.27 16.62
N LEU B 171 7.93 5.25 17.43
CA LEU B 171 6.53 5.42 17.81
C LEU B 171 5.73 6.19 16.75
N HIS B 172 4.67 5.56 16.26
CA HIS B 172 3.80 6.18 15.27
C HIS B 172 2.36 5.73 15.45
N GLU B 173 1.42 6.56 15.00
CA GLU B 173 0.02 6.17 14.87
C GLU B 173 -0.13 5.44 13.55
N ASP B 174 -0.81 4.29 13.57
CA ASP B 174 -1.09 3.60 12.32
C ASP B 174 -2.46 2.91 12.34
N ARG B 175 -2.71 2.09 11.32
CA ARG B 175 -3.97 1.38 11.16
C ARG B 175 -3.65 0.02 10.53
N ILE B 176 -4.59 -0.92 10.60
CA ILE B 176 -4.40 -2.20 9.93
C ILE B 176 -4.66 -2.02 8.43
N ALA B 177 -3.83 -2.62 7.57
CA ALA B 177 -4.09 -2.54 6.14
C ALA B 177 -4.55 -3.91 5.64
N ALA B 179 -6.32 -6.20 2.26
CA ALA B 179 -6.84 -6.38 0.91
C ALA B 179 -7.83 -7.53 0.94
N LEU B 180 -9.11 -7.26 0.67
CA LEU B 180 -10.15 -8.28 0.70
C LEU B 180 -10.98 -8.25 -0.58
N SER B 181 -11.92 -9.16 -0.70
CA SER B 181 -12.87 -9.10 -1.79
C SER B 181 -14.18 -8.68 -1.15
N ARG B 182 -15.05 -8.00 -1.90
CA ARG B 182 -16.35 -7.63 -1.37
C ARG B 182 -17.03 -8.87 -0.81
N GLY B 183 -16.72 -10.01 -1.41
CA GLY B 183 -17.22 -11.30 -0.97
C GLY B 183 -16.75 -11.76 0.40
N SER B 184 -15.71 -11.16 0.95
CA SER B 184 -15.27 -11.52 2.29
C SER B 184 -16.11 -10.76 3.31
N ASP B 185 -15.88 -11.02 4.60
CA ASP B 185 -16.56 -10.24 5.64
C ASP B 185 -15.52 -9.44 6.41
N ALA B 186 -15.58 -8.13 6.18
CA ALA B 186 -14.55 -7.22 6.68
C ALA B 186 -14.33 -7.25 8.21
N ARG B 187 -15.34 -6.88 8.99
CA ARG B 187 -15.18 -6.86 10.45
C ARG B 187 -15.08 -8.27 11.03
N GLY B 188 -15.82 -9.19 10.42
CA GLY B 188 -15.82 -10.58 10.86
C GLY B 188 -14.45 -11.23 10.73
N ILE B 189 -13.75 -10.96 9.62
CA ILE B 189 -12.44 -11.57 9.37
C ILE B 189 -11.38 -11.18 10.39
N LEU B 190 -11.30 -9.90 10.74
CA LEU B 190 -10.30 -9.50 11.70
C LEU B 190 -10.51 -10.23 13.02
N GLN B 191 -11.75 -10.21 13.51
CA GLN B 191 -12.11 -10.99 14.69
C GLN B 191 -11.87 -12.47 14.41
N GLU B 192 -12.26 -12.91 13.21
CA GLU B 192 -12.11 -14.31 12.83
C GLU B 192 -10.65 -14.69 12.87
N VAL B 193 -9.85 -13.84 12.26
CA VAL B 193 -8.40 -13.97 12.26
C VAL B 193 -7.85 -14.12 13.68
N GLU B 194 -8.27 -13.24 14.59
CA GLU B 194 -7.65 -13.16 15.91
C GLU B 194 -8.54 -13.39 17.15
N ALA B 195 -8.32 -14.51 17.83
CA ALA B 195 -8.90 -14.79 19.16
C ALA B 195 -7.93 -14.31 20.25
N GLN B 196 -8.18 -14.71 21.49
CA GLN B 196 -7.31 -14.31 22.60
C GLN B 196 -5.86 -14.75 22.37
N GLY B 197 -5.66 -15.63 21.40
CA GLY B 197 -4.35 -16.18 21.10
C GLY B 197 -3.53 -15.47 20.02
N ARG B 198 -3.81 -14.20 19.77
CA ARG B 198 -3.10 -13.43 18.72
C ARG B 198 -1.60 -13.56 18.89
N PRO B 199 -0.90 -14.01 17.84
CA PRO B 199 0.54 -14.23 17.99
C PRO B 199 1.34 -12.96 17.78
N TYR B 200 1.04 -11.90 18.52
CA TYR B 200 1.72 -10.62 18.35
C TYR B 200 1.28 -9.61 19.40
N GLN B 201 2.07 -8.55 19.57
CA GLN B 201 1.84 -7.61 20.66
C GLN B 201 0.64 -6.74 20.32
N ASP B 202 0.03 -6.16 21.34
CA ASP B 202 -1.10 -5.24 21.18
C ASP B 202 -0.78 -4.05 20.27
N ASN B 203 0.49 -3.65 20.23
CA ASN B 203 0.89 -2.52 19.40
C ASN B 203 1.40 -2.89 18.00
N ALA B 204 1.26 -4.17 17.64
CA ALA B 204 1.80 -4.67 16.38
C ALA B 204 1.28 -3.93 15.16
N THR B 205 2.13 -3.80 14.14
CA THR B 205 1.70 -3.30 12.84
C THR B 205 1.32 -4.51 11.99
N LEU B 206 0.17 -4.43 11.33
CA LEU B 206 -0.41 -5.60 10.65
C LEU B 206 -0.83 -5.26 9.24
N ALA B 207 -0.64 -6.21 8.34
CA ALA B 207 -1.19 -6.10 6.99
C ALA B 207 -1.60 -7.49 6.57
N LEU B 208 -2.68 -7.58 5.80
CA LEU B 208 -3.17 -8.89 5.43
C LEU B 208 -3.84 -8.93 4.07
N VAL B 209 -3.86 -10.11 3.48
CA VAL B 209 -4.59 -10.36 2.26
C VAL B 209 -5.51 -11.55 2.44
N ILE B 210 -6.75 -11.45 1.96
CA ILE B 210 -7.68 -12.56 1.93
C ILE B 210 -8.09 -12.81 0.50
N LEU B 211 -8.00 -14.04 0.07
CA LEU B 211 -8.35 -14.40 -1.28
C LEU B 211 -9.86 -14.21 -1.53
#